data_5XVL
#
_entry.id   5XVL
#
_cell.length_a   68.433
_cell.length_b   68.433
_cell.length_c   111.367
_cell.angle_alpha   90.00
_cell.angle_beta   90.00
_cell.angle_gamma   120.00
#
_symmetry.space_group_name_H-M   'P 65 2 2'
#
loop_
_entity.id
_entity.type
_entity.pdbx_description
1 polymer 'PHD finger protein ALFIN-LIKE 2'
2 non-polymer 'SULFATE ION'
3 water water
#
_entity_poly.entity_id   1
_entity_poly.type   'polypeptide(L)'
_entity_poly.pdbx_seq_one_letter_code
;GSPRTVEEIFKDYSARRAALLRALTKDVDDFYSQCDPEKENLCLYGHPNESWEVNLPAEEVPPELPEPALGINFARDGMQ
RKDWLSLVAVHSDCWLLSVSFYFGARLNRNERKRLFSLINDLPTLFDVVTGRKAM
;
_entity_poly.pdbx_strand_id   A
#
loop_
_chem_comp.id
_chem_comp.type
_chem_comp.name
_chem_comp.formula
SO4 non-polymer 'SULFATE ION' 'O4 S -2'
#
# COMPACT_ATOMS: atom_id res chain seq x y z
N SER A 2 16.59 3.93 0.77
CA SER A 2 17.16 5.29 0.68
C SER A 2 16.61 6.32 1.68
N PRO A 3 15.29 6.42 1.89
CA PRO A 3 14.81 7.30 2.97
C PRO A 3 15.38 6.84 4.30
N ARG A 4 15.90 7.79 5.09
CA ARG A 4 16.57 7.40 6.33
C ARG A 4 16.09 8.14 7.56
N THR A 5 15.87 9.44 7.48
CA THR A 5 15.32 10.20 8.61
C THR A 5 13.82 9.98 8.72
N VAL A 6 13.28 10.34 9.88
CA VAL A 6 11.82 10.27 10.05
C VAL A 6 11.13 11.09 8.97
N GLU A 7 11.61 12.31 8.71
CA GLU A 7 11.00 13.13 7.68
C GLU A 7 11.06 12.47 6.31
N GLU A 8 12.21 11.93 5.94
CA GLU A 8 12.34 11.28 4.63
C GLU A 8 11.42 10.08 4.51
N ILE A 9 11.37 9.27 5.55
CA ILE A 9 10.56 8.06 5.48
C ILE A 9 9.10 8.42 5.41
N PHE A 10 8.70 9.47 6.14
CA PHE A 10 7.30 9.86 6.14
C PHE A 10 6.90 10.50 4.82
N LYS A 11 7.80 11.26 4.19
CA LYS A 11 7.48 11.77 2.85
C LYS A 11 7.26 10.62 1.88
N ASP A 12 8.12 9.60 1.96
CA ASP A 12 7.98 8.43 1.09
C ASP A 12 6.65 7.72 1.36
N TYR A 13 6.31 7.54 2.65
CA TYR A 13 5.03 6.93 3.04
C TYR A 13 3.87 7.72 2.46
N SER A 14 3.90 9.05 2.64
CA SER A 14 2.78 9.88 2.22
C SER A 14 2.57 9.81 0.71
N ALA A 15 3.67 9.78 -0.05
CA ALA A 15 3.55 9.71 -1.52
C ALA A 15 2.96 8.36 -1.95
N ARG A 16 3.48 7.28 -1.39
CA ARG A 16 2.92 5.96 -1.69
C ARG A 16 1.46 5.87 -1.30
N ARG A 17 1.12 6.43 -0.13
CA ARG A 17 -0.27 6.37 0.33
C ARG A 17 -1.17 7.19 -0.59
N ALA A 18 -0.67 8.34 -1.06
CA ALA A 18 -1.44 9.17 -1.99
C ALA A 18 -1.80 8.38 -3.24
N ALA A 19 -0.84 7.60 -3.74
CA ALA A 19 -1.09 6.75 -4.90
C ALA A 19 -2.17 5.71 -4.61
N LEU A 20 -2.05 4.99 -3.48
CA LEU A 20 -3.02 3.95 -3.16
C LEU A 20 -4.39 4.55 -2.85
N LEU A 21 -4.43 5.70 -2.16
CA LEU A 21 -5.70 6.39 -1.94
C LEU A 21 -6.43 6.64 -3.26
N ARG A 22 -5.70 7.17 -4.24
CA ARG A 22 -6.30 7.41 -5.56
C ARG A 22 -6.77 6.12 -6.21
N ALA A 23 -5.99 5.04 -6.12
CA ALA A 23 -6.40 3.77 -6.72
C ALA A 23 -7.73 3.29 -6.15
N LEU A 24 -7.94 3.50 -4.85
CA LEU A 24 -9.09 2.94 -4.16
C LEU A 24 -10.29 3.87 -4.12
N THR A 25 -10.14 5.10 -4.63
CA THR A 25 -11.23 6.07 -4.56
C THR A 25 -11.46 6.65 -5.95
N LYS A 26 -10.76 7.74 -6.30
CA LYS A 26 -11.01 8.39 -7.59
C LYS A 26 -10.88 7.42 -8.76
N ASP A 27 -9.86 6.56 -8.74
CA ASP A 27 -9.59 5.64 -9.84
C ASP A 27 -10.11 4.24 -9.58
N VAL A 28 -11.03 4.07 -8.63
CA VAL A 28 -11.41 2.72 -8.20
C VAL A 28 -11.90 1.88 -9.39
N ASP A 29 -12.60 2.48 -10.37
CA ASP A 29 -13.12 1.69 -11.48
C ASP A 29 -11.97 1.19 -12.38
N ASP A 30 -10.96 2.03 -12.58
CA ASP A 30 -9.83 1.63 -13.41
C ASP A 30 -8.98 0.59 -12.70
N PHE A 31 -8.73 0.80 -11.40
CA PHE A 31 -8.00 -0.17 -10.59
C PHE A 31 -8.72 -1.51 -10.58
N TYR A 32 -10.02 -1.49 -10.34
CA TYR A 32 -10.83 -2.71 -10.35
C TYR A 32 -10.68 -3.47 -11.67
N SER A 33 -10.81 -2.79 -12.81
CA SER A 33 -10.72 -3.44 -14.11
C SER A 33 -9.33 -4.03 -14.36
N GLN A 34 -8.28 -3.35 -13.90
CA GLN A 34 -6.94 -3.89 -14.10
C GLN A 34 -6.70 -5.16 -13.28
N CYS A 35 -7.43 -5.34 -12.18
CA CYS A 35 -7.29 -6.53 -11.34
C CYS A 35 -8.08 -7.71 -11.91
N ASP A 36 -7.73 -8.11 -13.13
CA ASP A 36 -8.45 -9.14 -13.87
C ASP A 36 -8.29 -10.51 -13.20
N PRO A 37 -9.36 -11.15 -12.73
CA PRO A 37 -9.20 -12.48 -12.09
C PRO A 37 -8.59 -13.54 -12.98
N GLU A 38 -8.60 -13.37 -14.30
CA GLU A 38 -8.04 -14.37 -15.19
C GLU A 38 -6.55 -14.17 -15.45
N LYS A 39 -5.98 -13.03 -15.05
CA LYS A 39 -4.56 -12.79 -15.24
C LYS A 39 -3.77 -13.61 -14.22
N GLU A 40 -2.45 -13.56 -14.30
CA GLU A 40 -1.64 -14.16 -13.24
C GLU A 40 -1.73 -13.32 -11.96
N ASN A 41 -1.03 -13.72 -10.91
CA ASN A 41 -1.24 -13.05 -9.63
C ASN A 41 -0.77 -11.61 -9.71
N LEU A 42 -1.62 -10.70 -9.23
CA LEU A 42 -1.34 -9.27 -9.29
C LEU A 42 -1.31 -8.66 -7.88
N CYS A 43 -0.61 -7.52 -7.77
CA CYS A 43 -0.48 -6.74 -6.55
C CYS A 43 -0.76 -5.29 -6.87
N LEU A 44 -1.16 -4.53 -5.85
CA LEU A 44 -1.35 -3.09 -5.97
C LEU A 44 -0.17 -2.40 -5.28
N TYR A 45 0.64 -1.68 -6.07
CA TYR A 45 1.82 -0.96 -5.61
C TYR A 45 1.55 0.54 -5.60
N GLY A 46 2.09 1.24 -4.61
CA GLY A 46 2.17 2.70 -4.64
C GLY A 46 3.63 3.13 -4.67
N HIS A 47 3.96 4.03 -5.60
CA HIS A 47 5.32 4.50 -5.81
C HIS A 47 5.51 5.89 -5.22
N PRO A 48 6.76 6.27 -4.91
CA PRO A 48 7.01 7.56 -4.26
C PRO A 48 6.79 8.76 -5.18
N ASN A 49 6.56 8.55 -6.47
CA ASN A 49 6.11 9.64 -7.32
C ASN A 49 4.60 9.79 -7.34
N GLU A 50 3.90 9.10 -6.42
CA GLU A 50 2.44 9.10 -6.25
C GLU A 50 1.70 8.41 -7.39
N SER A 51 2.36 7.53 -8.14
CA SER A 51 1.66 6.69 -9.11
C SER A 51 1.29 5.36 -8.47
N TRP A 52 0.10 4.86 -8.78
CA TRP A 52 -0.23 3.49 -8.42
C TRP A 52 -0.08 2.58 -9.63
N GLU A 53 0.14 1.30 -9.34
CA GLU A 53 0.40 0.31 -10.37
C GLU A 53 -0.16 -1.04 -9.95
N VAL A 54 -0.88 -1.69 -10.86
CA VAL A 54 -1.24 -3.10 -10.69
C VAL A 54 -0.26 -3.91 -11.53
N ASN A 55 0.49 -4.80 -10.89
CA ASN A 55 1.46 -5.57 -11.66
C ASN A 55 1.75 -6.88 -10.97
N LEU A 56 2.47 -7.74 -11.69
CA LEU A 56 3.04 -8.95 -11.12
C LEU A 56 3.91 -8.59 -9.91
N PRO A 57 4.04 -9.51 -8.95
CA PRO A 57 4.93 -9.25 -7.82
C PRO A 57 6.37 -9.09 -8.27
N ALA A 58 7.13 -8.30 -7.50
CA ALA A 58 8.54 -8.09 -7.78
C ALA A 58 9.31 -9.39 -7.65
N GLU A 59 10.30 -9.57 -8.50
CA GLU A 59 11.16 -10.74 -8.49
C GLU A 59 12.54 -10.25 -8.06
N GLU A 60 12.81 -10.31 -6.76
CA GLU A 60 13.99 -9.69 -6.18
C GLU A 60 14.65 -10.60 -5.15
N VAL A 61 15.94 -10.82 -5.32
CA VAL A 61 16.73 -11.68 -4.44
C VAL A 61 18.04 -10.99 -4.09
N PRO A 62 18.31 -10.68 -2.80
CA PRO A 62 17.41 -10.91 -1.67
C PRO A 62 16.21 -9.99 -1.74
N PRO A 63 15.13 -10.33 -1.05
CA PRO A 63 13.99 -9.42 -1.01
C PRO A 63 14.42 -8.05 -0.50
N GLU A 64 13.90 -7.00 -1.13
CA GLU A 64 14.26 -5.64 -0.79
C GLU A 64 13.09 -5.05 -0.04
N LEU A 65 12.22 -4.27 -0.68
CA LEU A 65 11.06 -3.78 0.00
C LEU A 65 10.13 -4.94 0.35
N PRO A 66 9.42 -4.85 1.48
CA PRO A 66 8.24 -5.67 1.69
C PRO A 66 7.34 -5.63 0.45
N GLU A 67 6.64 -6.76 0.21
CA GLU A 67 5.80 -6.84 -0.98
C GLU A 67 4.33 -6.68 -0.62
N PRO A 68 3.52 -6.08 -1.49
CA PRO A 68 2.08 -5.99 -1.24
C PRO A 68 1.43 -7.36 -1.32
N ALA A 69 0.19 -7.41 -0.82
CA ALA A 69 -0.61 -8.61 -0.91
C ALA A 69 -0.69 -9.09 -2.36
N LEU A 70 -0.56 -10.40 -2.55
CA LEU A 70 -0.41 -11.00 -3.87
C LEU A 70 -1.69 -11.73 -4.26
N GLY A 71 -2.02 -11.67 -5.55
CA GLY A 71 -3.19 -12.36 -6.03
C GLY A 71 -4.50 -11.70 -5.65
N ILE A 72 -4.50 -10.38 -5.47
CA ILE A 72 -5.75 -9.71 -5.06
C ILE A 72 -6.78 -9.81 -6.17
N ASN A 73 -6.33 -9.95 -7.42
CA ASN A 73 -7.25 -10.09 -8.54
C ASN A 73 -8.03 -11.41 -8.48
N PHE A 74 -7.43 -12.47 -7.94
CA PHE A 74 -8.06 -13.79 -8.07
C PHE A 74 -9.43 -13.81 -7.40
N ALA A 75 -9.59 -13.15 -6.25
CA ALA A 75 -10.87 -13.22 -5.55
C ALA A 75 -11.71 -11.95 -5.74
N ARG A 76 -11.40 -11.14 -6.75
CA ARG A 76 -12.13 -9.88 -6.94
C ARG A 76 -13.65 -10.09 -6.99
N ASP A 77 -14.11 -11.12 -7.70
CA ASP A 77 -15.54 -11.26 -7.94
C ASP A 77 -16.19 -12.29 -7.03
N GLY A 78 -15.44 -12.85 -6.08
CA GLY A 78 -15.95 -13.82 -5.12
C GLY A 78 -16.53 -13.22 -3.87
N MET A 79 -16.60 -11.89 -3.81
CA MET A 79 -17.21 -11.19 -2.70
C MET A 79 -17.80 -9.89 -3.23
N GLN A 80 -18.64 -9.27 -2.41
CA GLN A 80 -19.18 -7.96 -2.76
C GLN A 80 -18.04 -6.99 -3.00
N ARG A 81 -18.26 -6.09 -3.96
CA ARG A 81 -17.19 -5.17 -4.36
C ARG A 81 -16.68 -4.38 -3.18
N LYS A 82 -17.59 -3.93 -2.31
CA LYS A 82 -17.12 -3.15 -1.16
C LYS A 82 -16.27 -3.98 -0.21
N ASP A 83 -16.53 -5.29 -0.08
CA ASP A 83 -15.69 -6.13 0.78
C ASP A 83 -14.33 -6.38 0.15
N TRP A 84 -14.26 -6.54 -1.17
CA TRP A 84 -12.98 -6.72 -1.82
C TRP A 84 -12.14 -5.46 -1.68
N LEU A 85 -12.76 -4.30 -1.90
CA LEU A 85 -12.06 -3.04 -1.73
C LEU A 85 -11.56 -2.87 -0.29
N SER A 86 -12.36 -3.27 0.70
CA SER A 86 -11.90 -3.19 2.09
C SER A 86 -10.69 -4.06 2.32
N LEU A 87 -10.71 -5.28 1.76
CA LEU A 87 -9.57 -6.17 1.92
C LEU A 87 -8.32 -5.59 1.28
N VAL A 88 -8.47 -5.04 0.08
CA VAL A 88 -7.30 -4.43 -0.55
C VAL A 88 -6.81 -3.25 0.28
N ALA A 89 -7.75 -2.50 0.87
CA ALA A 89 -7.37 -1.32 1.64
C ALA A 89 -6.56 -1.70 2.88
N VAL A 90 -7.04 -2.70 3.66
CA VAL A 90 -6.28 -3.13 4.84
C VAL A 90 -4.90 -3.60 4.44
N HIS A 91 -4.82 -4.45 3.41
CA HIS A 91 -3.51 -4.94 3.00
C HIS A 91 -2.62 -3.81 2.52
N SER A 92 -3.21 -2.78 1.90
CA SER A 92 -2.41 -1.63 1.47
C SER A 92 -1.90 -0.82 2.66
N ASP A 93 -2.77 -0.60 3.67
CA ASP A 93 -2.33 -0.01 4.93
C ASP A 93 -1.15 -0.75 5.51
N CYS A 94 -1.26 -2.08 5.57
CA CYS A 94 -0.20 -2.89 6.18
C CYS A 94 1.08 -2.80 5.38
N TRP A 95 0.96 -2.81 4.04
CA TRP A 95 2.15 -2.68 3.19
C TRP A 95 2.83 -1.34 3.44
N LEU A 96 2.05 -0.26 3.48
CA LEU A 96 2.64 1.07 3.69
C LEU A 96 3.40 1.13 5.00
N LEU A 97 2.79 0.60 6.06
CA LEU A 97 3.45 0.54 7.36
C LEU A 97 4.72 -0.30 7.30
N SER A 98 4.65 -1.47 6.66
CA SER A 98 5.79 -2.36 6.57
C SER A 98 6.93 -1.69 5.82
N VAL A 99 6.62 -1.00 4.72
CA VAL A 99 7.65 -0.33 3.95
C VAL A 99 8.36 0.72 4.79
N SER A 100 7.59 1.54 5.50
CA SER A 100 8.18 2.62 6.29
C SER A 100 9.11 2.08 7.37
N PHE A 101 8.68 1.04 8.07
CA PHE A 101 9.54 0.50 9.11
C PHE A 101 10.63 -0.41 8.58
N TYR A 102 10.58 -0.79 7.30
CA TYR A 102 11.77 -1.34 6.65
C TYR A 102 12.83 -0.26 6.45
N PHE A 103 12.44 0.86 5.83
CA PHE A 103 13.38 1.98 5.70
C PHE A 103 13.83 2.46 7.08
N GLY A 104 12.99 2.28 8.09
CA GLY A 104 13.26 2.75 9.43
C GLY A 104 13.96 1.76 10.36
N ALA A 105 14.63 0.77 9.80
CA ALA A 105 15.29 -0.26 10.62
C ALA A 105 16.32 0.34 11.57
N ARG A 106 16.98 1.41 11.18
CA ARG A 106 18.01 1.99 12.03
C ARG A 106 17.49 3.11 12.94
N LEU A 107 16.20 3.42 12.90
CA LEU A 107 15.65 4.41 13.82
C LEU A 107 15.71 3.91 15.27
N ASN A 108 15.91 4.84 16.20
CA ASN A 108 15.88 4.49 17.62
C ASN A 108 14.43 4.46 18.11
N ARG A 109 14.24 4.20 19.40
CA ARG A 109 12.89 3.99 19.92
C ARG A 109 12.01 5.23 19.76
N ASN A 110 12.54 6.41 20.11
CA ASN A 110 11.73 7.62 20.03
C ASN A 110 11.42 7.97 18.58
N GLU A 111 12.36 7.70 17.68
CA GLU A 111 12.13 7.94 16.26
C GLU A 111 11.04 7.04 15.71
N ARG A 112 11.04 5.76 16.11
CA ARG A 112 9.97 4.86 15.72
C ARG A 112 8.62 5.39 16.20
N LYS A 113 8.58 5.87 17.45
CA LYS A 113 7.34 6.41 18.00
C LYS A 113 6.85 7.61 17.20
N ARG A 114 7.77 8.53 16.87
CA ARG A 114 7.42 9.71 16.09
C ARG A 114 6.95 9.33 14.69
N LEU A 115 7.62 8.37 14.05
CA LEU A 115 7.21 7.94 12.72
C LEU A 115 5.81 7.35 12.74
N PHE A 116 5.53 6.47 13.72
CA PHE A 116 4.20 5.90 13.77
C PHE A 116 3.16 6.99 14.04
N SER A 117 3.51 7.94 14.90
CA SER A 117 2.59 9.03 15.17
C SER A 117 2.20 9.77 13.90
N LEU A 118 3.17 10.04 13.03
CA LEU A 118 2.85 10.72 11.77
C LEU A 118 1.98 9.84 10.88
N ILE A 119 2.30 8.54 10.79
CA ILE A 119 1.48 7.63 10.01
C ILE A 119 0.06 7.58 10.57
N ASN A 120 -0.07 7.59 11.89
CA ASN A 120 -1.36 7.51 12.56
C ASN A 120 -2.10 8.84 12.56
N ASP A 121 -1.57 9.88 11.90
CA ASP A 121 -2.25 11.18 11.86
C ASP A 121 -3.32 11.26 10.77
N LEU A 122 -3.30 10.39 9.79
CA LEU A 122 -4.37 10.40 8.79
C LEU A 122 -5.19 9.14 8.94
N PRO A 123 -6.45 9.15 8.49
CA PRO A 123 -7.25 7.91 8.52
C PRO A 123 -6.56 6.83 7.70
N THR A 124 -6.77 5.58 8.09
CA THR A 124 -6.24 4.51 7.26
C THR A 124 -7.03 4.42 5.95
N LEU A 125 -6.43 3.79 4.92
CA LEU A 125 -7.16 3.51 3.69
C LEU A 125 -8.41 2.69 3.98
N PHE A 126 -8.32 1.73 4.89
CA PHE A 126 -9.48 0.95 5.29
C PHE A 126 -10.58 1.85 5.83
N ASP A 127 -10.21 2.80 6.70
CA ASP A 127 -11.19 3.75 7.23
C ASP A 127 -11.82 4.56 6.12
N VAL A 128 -11.01 5.06 5.19
CA VAL A 128 -11.53 5.87 4.07
C VAL A 128 -12.51 5.05 3.24
N VAL A 129 -12.10 3.85 2.84
CA VAL A 129 -12.88 3.04 1.90
C VAL A 129 -14.17 2.53 2.55
N THR A 130 -14.12 2.14 3.82
CA THR A 130 -15.32 1.66 4.49
C THR A 130 -16.18 2.78 5.05
N GLY A 131 -15.77 4.03 4.88
CA GLY A 131 -16.58 5.17 5.30
C GLY A 131 -16.84 5.18 6.78
S SO4 B . 9.74 2.00 -5.65
O1 SO4 B . 9.72 2.88 -6.81
O2 SO4 B . 10.41 2.63 -4.52
O3 SO4 B . 10.44 0.76 -6.00
O4 SO4 B . 8.36 1.69 -5.27
S SO4 C . -21.66 -6.25 -5.57
O1 SO4 C . -22.07 -5.33 -6.64
O2 SO4 C . -20.31 -6.71 -5.84
O3 SO4 C . -22.56 -7.41 -5.53
O4 SO4 C . -21.71 -5.55 -4.29
S SO4 D . 0.06 11.25 19.22
O1 SO4 D . 0.21 10.37 18.06
O2 SO4 D . 0.29 12.63 18.79
O3 SO4 D . 1.04 10.88 20.24
O4 SO4 D . -1.29 11.13 19.75
#